data_8TEB
#
_entry.id   8TEB
#
_cell.length_a   38.338
_cell.length_b   93.034
_cell.length_c   90.389
_cell.angle_alpha   90.000
_cell.angle_beta   90.045
_cell.angle_gamma   90.000
#
_symmetry.space_group_name_H-M   'P 1 21 1'
#
loop_
_entity.id
_entity.type
_entity.pdbx_description
1 polymer 'Mevalonate kinase'
2 non-polymer 1,2-ETHANEDIOL
3 non-polymer 'CHLORIDE ION'
4 non-polymer 'MAGNESIUM ION'
5 water water
#
_entity_poly.entity_id   1
_entity_poly.type   'polypeptide(L)'
_entity_poly.pdbx_seq_one_letter_code
;MITCSAPGKVYLFGEHAVVYGEPAICCAVDIRTRVTVSPADTITISSSLGTTGIDFEVHPYVSAVLERFQDISSFDGVDL
RISSDIPVGSGLGSSAAVTVATIKAMDTLLDLGLELDDIAKMGHEVEQNIQGTASPTDTYVCTMGGVVLIPQRKKLELID
CGILIGNTNIFSSTKELVGNVADLNERFPDVVGPVLSSIGKLSVIGEGLVNDRDYVSVGELMNIDQGLLDAIGVSCAELS
SLIYAARESGAYGSKITGAGGGGCMVAISPRENVDSVAEAIGMAGGKVVVANATDIGVRVECQLVPRGSLEHHHHHH
;
_entity_poly.pdbx_strand_id   A,B
#
loop_
_chem_comp.id
_chem_comp.type
_chem_comp.name
_chem_comp.formula
CL non-polymer 'CHLORIDE ION' 'Cl -1'
EDO non-polymer 1,2-ETHANEDIOL 'C2 H6 O2'
MG non-polymer 'MAGNESIUM ION' 'Mg 2'
#
# COMPACT_ATOMS: atom_id res chain seq x y z
N MET A 1 15.26 36.76 -29.59
CA MET A 1 14.29 35.96 -28.77
C MET A 1 14.73 34.50 -28.78
N ILE A 2 15.20 34.04 -27.62
CA ILE A 2 15.62 32.67 -27.39
C ILE A 2 14.57 31.97 -26.53
N THR A 3 14.03 30.85 -27.01
CA THR A 3 13.23 29.98 -26.17
C THR A 3 13.89 28.61 -26.03
N CYS A 4 14.10 28.21 -24.78
CA CYS A 4 14.54 26.89 -24.39
C CYS A 4 13.48 26.23 -23.52
N SER A 5 13.36 24.90 -23.61
CA SER A 5 12.46 24.15 -22.78
C SER A 5 13.16 22.96 -22.12
N ALA A 6 12.54 22.43 -21.06
CA ALA A 6 12.95 21.20 -20.42
C ALA A 6 11.72 20.44 -19.94
N PRO A 7 11.79 19.10 -19.95
CA PRO A 7 10.63 18.29 -19.58
C PRO A 7 10.51 18.10 -18.07
N GLY A 8 9.29 17.74 -17.62
CA GLY A 8 9.08 17.20 -16.30
C GLY A 8 9.44 15.73 -16.28
N LYS A 9 9.19 15.05 -15.16
CA LYS A 9 9.55 13.64 -15.08
C LYS A 9 8.72 12.89 -14.05
N VAL A 10 8.70 11.56 -14.21
CA VAL A 10 8.13 10.63 -13.23
C VAL A 10 9.19 9.60 -12.80
N TYR A 11 8.96 8.97 -11.63
CA TYR A 11 9.72 7.79 -11.23
C TYR A 11 8.93 6.55 -11.63
N LEU A 12 9.54 5.68 -12.42
CA LEU A 12 8.99 4.34 -12.59
C LEU A 12 9.24 3.58 -11.31
N PHE A 13 10.46 3.68 -10.75
CA PHE A 13 10.78 3.03 -9.48
C PHE A 13 11.81 3.87 -8.72
N GLY A 14 11.72 3.90 -7.39
CA GLY A 14 12.91 4.19 -6.62
C GLY A 14 12.86 5.46 -5.77
N GLU A 15 11.80 6.26 -5.87
CA GLU A 15 11.67 7.43 -5.01
C GLU A 15 11.79 7.00 -3.56
N HIS A 16 12.36 7.87 -2.71
CA HIS A 16 12.48 7.69 -1.27
C HIS A 16 13.63 6.75 -0.90
N ALA A 17 14.19 5.97 -1.84
CA ALA A 17 15.21 4.98 -1.51
C ALA A 17 16.59 5.35 -2.07
N VAL A 18 16.64 6.36 -2.94
CA VAL A 18 17.90 6.78 -3.53
C VAL A 18 18.82 7.33 -2.43
N VAL A 19 18.23 8.08 -1.47
CA VAL A 19 19.06 8.71 -0.44
C VAL A 19 19.64 7.62 0.47
N TYR A 20 19.17 6.37 0.33
CA TYR A 20 19.64 5.27 1.15
C TYR A 20 20.60 4.39 0.37
N GLY A 21 21.13 4.92 -0.74
CA GLY A 21 22.09 4.18 -1.55
C GLY A 21 21.45 3.29 -2.62
N GLU A 22 20.15 3.44 -2.93
CA GLU A 22 19.48 2.50 -3.82
C GLU A 22 19.28 3.10 -5.21
N PRO A 23 19.25 2.25 -6.26
CA PRO A 23 19.05 2.70 -7.63
C PRO A 23 17.58 3.04 -7.87
N ALA A 24 17.36 3.83 -8.93
CA ALA A 24 16.03 4.26 -9.32
C ALA A 24 15.96 4.34 -10.84
N ILE A 25 14.74 4.35 -11.37
CA ILE A 25 14.54 4.57 -12.79
C ILE A 25 13.48 5.66 -12.94
N CYS A 26 13.88 6.75 -13.61
CA CYS A 26 13.03 7.88 -13.88
C CYS A 26 12.80 8.02 -15.38
N CYS A 27 11.75 8.74 -15.75
CA CYS A 27 11.34 8.92 -17.13
C CYS A 27 10.84 10.35 -17.32
N ALA A 28 11.53 11.10 -18.18
CA ALA A 28 11.09 12.42 -18.65
C ALA A 28 9.81 12.28 -19.47
N VAL A 29 8.87 13.20 -19.24
CA VAL A 29 7.56 13.21 -19.93
C VAL A 29 7.34 14.54 -20.65
N ASP A 30 6.48 14.58 -21.66
CA ASP A 30 6.36 15.73 -22.55
C ASP A 30 5.43 16.81 -21.98
N ILE A 31 5.47 17.06 -20.67
CA ILE A 31 4.99 18.31 -20.10
C ILE A 31 6.22 19.15 -19.78
N ARG A 32 6.29 20.33 -20.41
CA ARG A 32 7.53 21.05 -20.46
C ARG A 32 7.36 22.44 -19.87
N THR A 33 8.50 22.97 -19.38
CA THR A 33 8.62 24.36 -19.02
C THR A 33 9.44 25.09 -20.09
N ARG A 34 8.91 26.21 -20.61
CA ARG A 34 9.58 27.05 -21.60
C ARG A 34 10.07 28.32 -20.92
N VAL A 35 11.34 28.67 -21.15
CA VAL A 35 11.92 29.95 -20.71
C VAL A 35 12.37 30.71 -21.95
N THR A 36 11.86 31.94 -22.10
CA THR A 36 12.15 32.81 -23.22
C THR A 36 12.97 34.00 -22.72
N VAL A 37 14.08 34.31 -23.42
CA VAL A 37 14.94 35.42 -23.04
C VAL A 37 15.18 36.30 -24.26
N SER A 38 15.41 37.58 -23.98
CA SER A 38 15.74 38.62 -24.94
C SER A 38 16.59 39.65 -24.19
N PRO A 39 17.65 40.22 -24.81
CA PRO A 39 18.46 41.22 -24.14
C PRO A 39 17.62 42.40 -23.66
N ALA A 40 18.03 43.00 -22.54
CA ALA A 40 17.48 44.25 -22.07
C ALA A 40 18.51 44.95 -21.19
N ASP A 41 18.19 46.16 -20.73
CA ASP A 41 19.02 46.91 -19.80
C ASP A 41 18.62 46.63 -18.36
N THR A 42 17.49 45.93 -18.19
CA THR A 42 16.88 45.66 -16.90
C THR A 42 16.56 44.16 -16.83
N ILE A 43 16.60 43.59 -15.61
CA ILE A 43 16.11 42.24 -15.37
C ILE A 43 14.61 42.24 -15.07
N THR A 44 13.86 41.45 -15.84
CA THR A 44 12.45 41.22 -15.61
C THR A 44 12.22 39.72 -15.68
N ILE A 45 11.43 39.19 -14.75
CA ILE A 45 11.09 37.79 -14.72
C ILE A 45 9.56 37.69 -14.64
N SER A 46 8.92 37.23 -15.72
CA SER A 46 7.48 37.14 -15.75
C SER A 46 7.07 35.66 -15.70
N SER A 47 6.10 35.35 -14.84
CA SER A 47 5.53 34.01 -14.77
C SER A 47 4.04 34.12 -14.48
N SER A 48 3.37 32.99 -14.23
CA SER A 48 2.02 32.97 -13.71
C SER A 48 1.94 33.71 -12.37
N LEU A 49 3.07 33.74 -11.65
CA LEU A 49 3.19 34.41 -10.36
C LEU A 49 3.28 35.93 -10.55
N GLY A 50 3.74 36.40 -11.71
CA GLY A 50 3.81 37.83 -11.99
C GLY A 50 5.19 38.26 -12.49
N THR A 51 5.41 39.57 -12.60
CA THR A 51 6.69 40.12 -13.00
C THR A 51 7.44 40.63 -11.77
N THR A 52 8.69 40.20 -11.64
CA THR A 52 9.58 40.65 -10.59
C THR A 52 10.96 40.92 -11.20
N GLY A 53 11.83 41.52 -10.40
CA GLY A 53 13.27 41.55 -10.66
C GLY A 53 13.88 40.28 -10.10
N ILE A 54 15.17 40.31 -9.79
CA ILE A 54 15.77 39.28 -8.95
C ILE A 54 14.94 39.21 -7.67
N ASP A 55 14.23 38.10 -7.47
CA ASP A 55 13.34 37.91 -6.34
C ASP A 55 13.41 36.45 -5.89
N PHE A 56 14.04 36.23 -4.73
CA PHE A 56 14.25 34.88 -4.21
C PHE A 56 13.02 34.39 -3.44
N GLU A 57 11.97 35.22 -3.34
CA GLU A 57 10.71 34.78 -2.74
C GLU A 57 9.76 34.24 -3.81
N VAL A 58 9.64 34.95 -4.95
CA VAL A 58 8.68 34.62 -5.98
C VAL A 58 9.33 33.76 -7.06
N HIS A 59 10.58 34.05 -7.39
CA HIS A 59 11.25 33.42 -8.54
C HIS A 59 12.64 32.96 -8.12
N PRO A 60 12.75 32.11 -7.08
CA PRO A 60 14.04 31.73 -6.50
C PRO A 60 14.99 30.99 -7.43
N TYR A 61 14.46 30.06 -8.23
CA TYR A 61 15.28 29.20 -9.07
C TYR A 61 15.86 30.03 -10.23
N VAL A 62 15.03 30.88 -10.82
CA VAL A 62 15.48 31.71 -11.92
C VAL A 62 16.49 32.74 -11.40
N SER A 63 16.17 33.39 -10.28
CA SER A 63 17.05 34.37 -9.67
C SER A 63 18.42 33.77 -9.39
N ALA A 64 18.48 32.52 -8.92
CA ALA A 64 19.75 31.87 -8.61
C ALA A 64 20.57 31.67 -9.89
N VAL A 65 19.89 31.24 -10.98
CA VAL A 65 20.56 30.97 -12.24
C VAL A 65 21.16 32.28 -12.76
N LEU A 66 20.37 33.36 -12.77
CA LEU A 66 20.81 34.66 -13.26
C LEU A 66 22.02 35.15 -12.48
N GLU A 67 22.04 34.90 -11.16
CA GLU A 67 23.17 35.26 -10.31
C GLU A 67 24.42 34.49 -10.75
N ARG A 68 24.28 33.17 -10.90
CA ARG A 68 25.39 32.31 -11.32
C ARG A 68 25.97 32.81 -12.65
N PHE A 69 25.11 33.31 -13.55
CA PHE A 69 25.57 33.68 -14.88
C PHE A 69 26.31 35.03 -14.84
N GLN A 70 25.79 36.01 -14.10
CA GLN A 70 26.45 37.31 -14.05
C GLN A 70 27.87 37.15 -13.46
N ASP A 71 28.06 36.07 -12.70
CA ASP A 71 29.32 35.77 -12.05
C ASP A 71 30.33 35.20 -13.04
N ILE A 72 29.88 34.75 -14.24
CA ILE A 72 30.82 34.23 -15.24
C ILE A 72 30.75 35.02 -16.54
N SER A 73 29.77 35.91 -16.68
CA SER A 73 29.64 36.77 -17.83
C SER A 73 28.66 37.89 -17.51
N SER A 74 29.12 39.14 -17.67
CA SER A 74 28.30 40.30 -17.36
C SER A 74 27.20 40.48 -18.41
N PHE A 75 26.01 40.87 -17.96
CA PHE A 75 24.93 41.18 -18.88
C PHE A 75 24.13 42.33 -18.30
N ASP A 76 23.77 43.30 -19.16
CA ASP A 76 23.09 44.52 -18.75
C ASP A 76 21.73 44.21 -18.11
N GLY A 77 21.10 43.14 -18.58
CA GLY A 77 19.80 42.72 -18.08
C GLY A 77 19.16 41.75 -19.06
N VAL A 78 17.96 41.26 -18.74
CA VAL A 78 17.31 40.25 -19.58
C VAL A 78 15.81 40.30 -19.34
N ASP A 79 15.05 40.26 -20.44
CA ASP A 79 13.61 40.10 -20.37
C ASP A 79 13.32 38.60 -20.47
N LEU A 80 12.89 38.02 -19.34
CA LEU A 80 12.77 36.56 -19.20
C LEU A 80 11.34 36.20 -18.85
N ARG A 81 10.73 35.31 -19.65
CA ARG A 81 9.36 34.87 -19.43
C ARG A 81 9.35 33.35 -19.31
N ILE A 82 8.43 32.86 -18.48
CA ILE A 82 8.30 31.45 -18.16
C ILE A 82 6.87 31.02 -18.47
N SER A 83 6.75 29.96 -19.28
CA SER A 83 5.49 29.27 -19.54
C SER A 83 5.66 27.80 -19.14
N SER A 84 4.66 27.15 -18.53
CA SER A 84 4.82 25.74 -18.17
C SER A 84 3.53 24.95 -18.28
N ASP A 85 3.67 23.70 -18.76
CA ASP A 85 2.57 22.74 -18.80
C ASP A 85 2.63 21.79 -17.61
N ILE A 86 3.62 21.99 -16.73
CA ILE A 86 3.75 21.18 -15.53
C ILE A 86 2.91 21.86 -14.44
N PRO A 87 1.83 21.23 -13.95
CA PRO A 87 0.97 21.86 -12.94
C PRO A 87 1.78 22.28 -11.72
N VAL A 88 1.42 23.43 -11.15
CA VAL A 88 2.14 24.00 -10.03
C VAL A 88 1.87 23.14 -8.79
N GLY A 89 2.92 22.89 -8.01
CA GLY A 89 2.88 22.04 -6.81
C GLY A 89 2.63 20.55 -7.09
N SER A 90 2.85 20.12 -8.35
CA SER A 90 2.46 18.79 -8.79
C SER A 90 3.51 17.75 -8.42
N GLY A 91 4.77 18.18 -8.21
CA GLY A 91 5.85 17.26 -7.85
C GLY A 91 6.37 16.44 -9.03
N LEU A 92 6.46 17.07 -10.23
CA LEU A 92 6.91 16.41 -11.45
C LEU A 92 8.20 17.04 -11.98
N GLY A 93 9.03 17.58 -11.06
CA GLY A 93 10.30 18.17 -11.45
C GLY A 93 10.15 19.60 -11.97
N SER A 94 9.10 20.30 -11.49
CA SER A 94 8.84 21.69 -11.82
C SER A 94 10.10 22.52 -11.68
N SER A 95 10.71 22.47 -10.49
CA SER A 95 11.77 23.43 -10.16
C SER A 95 13.01 23.10 -10.99
N ALA A 96 13.23 21.79 -11.25
CA ALA A 96 14.38 21.34 -12.03
C ALA A 96 14.24 21.73 -13.50
N ALA A 97 13.03 21.63 -14.04
CA ALA A 97 12.81 21.95 -15.44
C ALA A 97 13.05 23.45 -15.68
N VAL A 98 12.54 24.31 -14.80
CA VAL A 98 12.68 25.74 -14.99
C VAL A 98 14.14 26.15 -14.80
N THR A 99 14.83 25.55 -13.82
CA THR A 99 16.25 25.77 -13.59
C THR A 99 17.06 25.41 -14.84
N VAL A 100 16.83 24.21 -15.37
CA VAL A 100 17.62 23.70 -16.48
C VAL A 100 17.27 24.48 -17.74
N ALA A 101 16.00 24.83 -17.94
CA ALA A 101 15.62 25.59 -19.13
C ALA A 101 16.25 26.97 -19.10
N THR A 102 16.36 27.56 -17.90
CA THR A 102 16.86 28.91 -17.74
C THR A 102 18.35 28.92 -18.02
N ILE A 103 19.08 27.93 -17.49
CA ILE A 103 20.52 27.81 -17.73
C ILE A 103 20.78 27.73 -19.22
N LYS A 104 20.03 26.83 -19.91
CA LYS A 104 20.25 26.66 -21.33
C LYS A 104 19.96 27.98 -22.06
N ALA A 105 18.88 28.67 -21.70
CA ALA A 105 18.51 29.92 -22.33
C ALA A 105 19.58 31.00 -22.12
N MET A 106 20.27 30.97 -20.98
CA MET A 106 21.30 31.94 -20.66
C MET A 106 22.62 31.51 -21.30
N ASP A 107 22.90 30.21 -21.34
CA ASP A 107 24.04 29.70 -22.09
C ASP A 107 23.95 30.20 -23.53
N THR A 108 22.73 30.20 -24.08
CA THR A 108 22.50 30.52 -25.47
C THR A 108 22.63 32.03 -25.69
N LEU A 109 21.99 32.81 -24.81
CA LEU A 109 22.05 34.27 -24.87
C LEU A 109 23.49 34.78 -24.87
N LEU A 110 24.40 34.10 -24.15
CA LEU A 110 25.73 34.63 -23.88
C LEU A 110 26.81 33.72 -24.47
N ASP A 111 26.40 32.74 -25.30
CA ASP A 111 27.33 31.90 -26.04
C ASP A 111 28.47 31.42 -25.13
N LEU A 112 28.17 30.63 -24.09
CA LEU A 112 29.18 30.20 -23.14
C LEU A 112 29.60 28.74 -23.35
N GLY A 113 28.92 28.05 -24.27
CA GLY A 113 29.34 26.71 -24.69
C GLY A 113 29.18 25.60 -23.64
N LEU A 114 28.28 25.78 -22.67
CA LEU A 114 28.08 24.77 -21.62
C LEU A 114 27.64 23.45 -22.25
N GLU A 115 28.24 22.35 -21.80
CA GLU A 115 27.79 21.01 -22.18
C GLU A 115 26.67 20.59 -21.23
N LEU A 116 25.98 19.50 -21.60
CA LEU A 116 24.84 18.99 -20.84
C LEU A 116 25.23 18.66 -19.40
N ASP A 117 26.39 18.00 -19.23
CA ASP A 117 26.85 17.62 -17.90
C ASP A 117 27.00 18.87 -17.02
N ASP A 118 27.60 19.93 -17.57
CA ASP A 118 27.78 21.21 -16.91
C ASP A 118 26.41 21.78 -16.51
N ILE A 119 25.44 21.68 -17.42
CA ILE A 119 24.12 22.23 -17.19
C ILE A 119 23.48 21.48 -16.02
N ALA A 120 23.58 20.15 -16.06
CA ALA A 120 23.04 19.31 -14.99
C ALA A 120 23.67 19.64 -13.64
N LYS A 121 25.00 19.82 -13.60
CA LYS A 121 25.68 20.09 -12.35
C LYS A 121 25.25 21.46 -11.79
N MET A 122 25.28 22.49 -12.65
CA MET A 122 24.85 23.80 -12.21
C MET A 122 23.40 23.74 -11.72
N GLY A 123 22.56 22.99 -12.44
CA GLY A 123 21.19 22.73 -12.00
C GLY A 123 21.11 22.16 -10.58
N HIS A 124 21.91 21.14 -10.30
CA HIS A 124 21.92 20.52 -8.99
C HIS A 124 22.30 21.58 -7.95
N GLU A 125 23.35 22.35 -8.24
CA GLU A 125 23.84 23.35 -7.30
C GLU A 125 22.74 24.35 -7.01
N VAL A 126 22.00 24.77 -8.03
CA VAL A 126 20.92 25.71 -7.83
C VAL A 126 19.85 25.13 -6.88
N GLU A 127 19.38 23.92 -7.15
CA GLU A 127 18.36 23.33 -6.29
C GLU A 127 18.90 23.13 -4.87
N GLN A 128 20.19 22.76 -4.75
CA GLN A 128 20.84 22.58 -3.46
C GLN A 128 20.77 23.86 -2.61
N ASN A 129 21.01 25.00 -3.26
CA ASN A 129 20.98 26.29 -2.58
C ASN A 129 19.57 26.63 -2.14
N ILE A 130 18.61 26.57 -3.05
CA ILE A 130 17.24 26.98 -2.74
C ILE A 130 16.64 26.01 -1.72
N GLN A 131 16.81 24.70 -1.93
CA GLN A 131 16.07 23.72 -1.16
C GLN A 131 16.82 23.34 0.12
N GLY A 132 18.02 23.90 0.31
CA GLY A 132 18.88 23.51 1.42
C GLY A 132 19.76 22.31 1.06
N THR A 133 19.13 21.16 0.81
CA THR A 133 19.80 20.01 0.22
C THR A 133 18.96 19.50 -0.95
N ALA A 134 19.62 18.78 -1.86
CA ALA A 134 18.93 18.20 -2.99
C ALA A 134 19.82 17.15 -3.61
N SER A 135 19.16 16.20 -4.25
CA SER A 135 19.77 15.14 -5.00
C SER A 135 19.96 15.61 -6.43
N PRO A 136 20.99 15.13 -7.16
CA PRO A 136 21.20 15.53 -8.55
C PRO A 136 20.24 14.92 -9.55
N THR A 137 19.35 14.05 -9.08
CA THR A 137 18.44 13.28 -9.93
C THR A 137 17.61 14.16 -10.85
N ASP A 138 16.83 15.11 -10.29
CA ASP A 138 15.80 15.79 -11.06
C ASP A 138 16.46 16.59 -12.19
N THR A 139 17.51 17.37 -11.90
CA THR A 139 18.14 18.21 -12.90
C THR A 139 18.89 17.37 -13.94
N TYR A 140 19.39 16.18 -13.56
CA TYR A 140 20.04 15.34 -14.54
C TYR A 140 19.00 14.81 -15.54
N VAL A 141 17.92 14.22 -15.05
CA VAL A 141 16.90 13.63 -15.93
C VAL A 141 16.26 14.69 -16.83
N CYS A 142 15.95 15.87 -16.25
CA CYS A 142 15.34 16.97 -16.98
C CYS A 142 16.31 17.49 -18.04
N THR A 143 17.63 17.42 -17.77
CA THR A 143 18.63 17.88 -18.73
C THR A 143 18.72 16.88 -19.91
N MET A 144 18.70 15.58 -19.60
CA MET A 144 19.03 14.55 -20.58
C MET A 144 17.81 14.02 -21.33
N GLY A 145 16.65 13.98 -20.66
CA GLY A 145 15.46 13.34 -21.23
C GLY A 145 15.57 11.83 -21.20
N GLY A 146 14.53 11.18 -21.70
CA GLY A 146 14.47 9.75 -21.86
C GLY A 146 14.29 9.03 -20.52
N VAL A 147 14.51 7.72 -20.56
CA VAL A 147 14.50 6.88 -19.38
C VAL A 147 15.94 6.81 -18.87
N VAL A 148 16.12 7.08 -17.58
CA VAL A 148 17.43 7.11 -16.95
C VAL A 148 17.41 6.23 -15.72
N LEU A 149 18.33 5.26 -15.70
CA LEU A 149 18.66 4.50 -14.50
C LEU A 149 19.61 5.34 -13.67
N ILE A 150 19.22 5.60 -12.41
CA ILE A 150 19.90 6.48 -11.46
C ILE A 150 20.45 5.65 -10.31
N PRO A 151 21.63 5.95 -9.73
CA PRO A 151 22.58 6.95 -10.24
C PRO A 151 23.68 6.55 -11.23
N GLN A 152 23.65 5.32 -11.77
CA GLN A 152 24.56 4.93 -12.85
C GLN A 152 24.49 5.94 -14.00
N ARG A 153 23.35 6.63 -14.14
CA ARG A 153 23.10 7.55 -15.23
C ARG A 153 23.26 6.82 -16.55
N LYS A 154 22.44 5.77 -16.71
CA LYS A 154 22.41 5.03 -17.96
C LYS A 154 21.05 5.19 -18.61
N LYS A 155 21.09 5.46 -19.92
CA LYS A 155 19.92 5.60 -20.75
C LYS A 155 19.32 4.25 -21.05
N LEU A 156 17.99 4.15 -20.92
CA LEU A 156 17.27 2.92 -21.17
C LEU A 156 16.27 3.17 -22.28
N GLU A 157 15.75 2.07 -22.85
CA GLU A 157 14.75 2.14 -23.91
C GLU A 157 13.57 2.98 -23.45
N LEU A 158 13.21 3.99 -24.25
CA LEU A 158 12.12 4.89 -23.93
C LEU A 158 10.82 4.10 -23.72
N ILE A 159 9.99 4.50 -22.74
CA ILE A 159 8.68 3.90 -22.56
C ILE A 159 7.79 4.28 -23.74
N ASP A 160 7.31 3.28 -24.49
CA ASP A 160 6.60 3.49 -25.75
C ASP A 160 5.08 3.48 -25.54
N CYS A 161 4.60 3.11 -24.33
CA CYS A 161 3.17 3.00 -24.08
C CYS A 161 2.60 4.31 -23.54
N GLY A 162 1.31 4.33 -23.21
CA GLY A 162 0.71 5.51 -22.62
C GLY A 162 1.10 5.72 -21.16
N ILE A 163 1.30 6.98 -20.78
CA ILE A 163 1.59 7.41 -19.43
C ILE A 163 0.53 8.42 -19.00
N LEU A 164 -0.17 8.18 -17.87
CA LEU A 164 -1.07 9.14 -17.28
C LEU A 164 -0.55 9.56 -15.90
N ILE A 165 -0.72 10.85 -15.63
CA ILE A 165 -0.39 11.43 -14.35
C ILE A 165 -1.69 11.93 -13.73
N GLY A 166 -1.96 11.44 -12.51
CA GLY A 166 -3.13 11.84 -11.76
C GLY A 166 -2.75 12.65 -10.55
N ASN A 167 -3.28 13.87 -10.47
CA ASN A 167 -2.92 14.79 -9.40
C ASN A 167 -4.02 14.77 -8.35
N THR A 168 -3.62 14.64 -7.09
CA THR A 168 -4.54 14.61 -5.97
C THR A 168 -4.94 16.02 -5.59
N ASN A 169 -4.16 17.02 -6.05
CA ASN A 169 -4.28 18.42 -5.72
C ASN A 169 -4.00 18.66 -4.24
N ILE A 170 -3.25 17.75 -3.61
CA ILE A 170 -2.77 17.93 -2.24
C ILE A 170 -1.27 18.19 -2.31
N PHE A 171 -0.85 19.34 -1.79
CA PHE A 171 0.56 19.69 -1.81
C PHE A 171 1.29 18.82 -0.79
N SER A 172 2.36 18.14 -1.27
CA SER A 172 3.15 17.22 -0.49
C SER A 172 4.18 18.00 0.33
N SER A 173 4.17 17.83 1.67
CA SER A 173 5.27 18.36 2.47
C SER A 173 6.46 17.40 2.41
N THR A 174 7.36 17.64 1.46
CA THR A 174 8.41 16.70 1.09
C THR A 174 9.38 16.45 2.24
N LYS A 175 9.83 17.54 2.87
CA LYS A 175 10.87 17.46 3.88
C LYS A 175 10.35 16.63 5.04
N GLU A 176 9.06 16.81 5.33
CA GLU A 176 8.37 16.09 6.39
C GLU A 176 8.27 14.60 6.04
N LEU A 177 7.81 14.27 4.81
CA LEU A 177 7.69 12.89 4.38
C LEU A 177 9.06 12.19 4.39
N VAL A 178 10.10 12.85 3.86
CA VAL A 178 11.47 12.35 3.90
C VAL A 178 11.91 12.10 5.34
N GLY A 179 11.54 13.00 6.26
CA GLY A 179 11.92 12.92 7.66
C GLY A 179 11.18 11.82 8.43
N ASN A 180 9.88 11.64 8.13
CA ASN A 180 9.11 10.54 8.70
C ASN A 180 9.70 9.18 8.31
N VAL A 181 10.16 9.05 7.05
CA VAL A 181 10.77 7.81 6.57
C VAL A 181 12.09 7.56 7.30
N ALA A 182 12.89 8.62 7.51
CA ALA A 182 14.17 8.47 8.20
C ALA A 182 13.95 8.10 9.67
N ASP A 183 12.94 8.72 10.29
CA ASP A 183 12.55 8.40 11.66
C ASP A 183 12.02 6.97 11.78
N LEU A 184 11.21 6.52 10.82
CA LEU A 184 10.66 5.16 10.86
C LEU A 184 11.78 4.13 10.71
N ASN A 185 12.75 4.45 9.85
CA ASN A 185 13.89 3.58 9.61
C ASN A 185 14.74 3.46 10.87
N GLU A 186 14.90 4.59 11.59
CA GLU A 186 15.70 4.66 12.79
C GLU A 186 15.02 3.85 13.90
N ARG A 187 13.69 3.92 13.98
CA ARG A 187 12.93 3.20 15.01
C ARG A 187 12.91 1.71 14.70
N PHE A 188 12.79 1.34 13.42
CA PHE A 188 12.64 -0.05 13.02
C PHE A 188 13.61 -0.37 11.90
N PRO A 189 14.94 -0.34 12.15
CA PRO A 189 15.93 -0.45 11.08
C PRO A 189 15.95 -1.80 10.35
N ASP A 190 15.63 -2.89 11.07
CA ASP A 190 15.71 -4.21 10.47
C ASP A 190 14.40 -4.58 9.80
N VAL A 191 13.35 -3.74 9.95
CA VAL A 191 12.13 -3.90 9.17
C VAL A 191 12.19 -2.98 7.95
N VAL A 192 12.43 -1.69 8.18
CA VAL A 192 12.37 -0.69 7.12
C VAL A 192 13.57 -0.81 6.19
N GLY A 193 14.73 -1.19 6.74
CA GLY A 193 15.95 -1.38 5.96
C GLY A 193 15.69 -2.27 4.75
N PRO A 194 15.29 -3.53 4.96
CA PRO A 194 14.90 -4.39 3.84
C PRO A 194 13.79 -3.91 2.88
N VAL A 195 12.84 -3.09 3.38
CA VAL A 195 11.81 -2.54 2.53
C VAL A 195 12.44 -1.59 1.53
N LEU A 196 13.37 -0.76 2.01
CA LEU A 196 14.04 0.19 1.13
C LEU A 196 14.96 -0.56 0.15
N SER A 197 15.67 -1.60 0.61
CA SER A 197 16.44 -2.46 -0.28
C SER A 197 15.56 -3.08 -1.34
N SER A 198 14.34 -3.47 -0.94
CA SER A 198 13.44 -4.11 -1.88
C SER A 198 13.05 -3.12 -2.98
N ILE A 199 12.94 -1.84 -2.63
CA ILE A 199 12.61 -0.83 -3.61
C ILE A 199 13.78 -0.74 -4.60
N GLY A 200 15.01 -0.74 -4.11
CA GLY A 200 16.19 -0.70 -4.98
C GLY A 200 16.20 -1.84 -6.01
N LYS A 201 15.84 -3.02 -5.56
CA LYS A 201 15.91 -4.23 -6.38
C LYS A 201 14.99 -4.16 -7.58
N LEU A 202 13.87 -3.44 -7.47
CA LEU A 202 12.94 -3.26 -8.57
C LEU A 202 13.68 -2.67 -9.78
N SER A 203 14.67 -1.78 -9.55
CA SER A 203 15.40 -1.17 -10.65
C SER A 203 16.45 -2.12 -11.24
N VAL A 204 16.94 -3.11 -10.44
CA VAL A 204 17.92 -4.05 -10.95
C VAL A 204 17.24 -4.94 -11.98
N ILE A 205 16.19 -5.64 -11.56
CA ILE A 205 15.39 -6.46 -12.45
C ILE A 205 14.63 -5.61 -13.49
N GLY A 206 14.19 -4.40 -13.10
CA GLY A 206 13.40 -3.53 -13.97
C GLY A 206 14.16 -3.00 -15.18
N GLU A 207 15.47 -2.77 -15.02
CA GLU A 207 16.29 -2.28 -16.12
C GLU A 207 16.08 -3.13 -17.37
N GLY A 208 16.26 -4.45 -17.22
CA GLY A 208 16.11 -5.36 -18.36
C GLY A 208 14.69 -5.33 -18.92
N LEU A 209 13.69 -5.34 -18.03
CA LEU A 209 12.30 -5.43 -18.46
C LEU A 209 11.87 -4.16 -19.20
N VAL A 210 12.42 -3.01 -18.79
CA VAL A 210 12.23 -1.77 -19.52
C VAL A 210 12.86 -1.85 -20.92
N ASN A 211 14.10 -2.37 -21.01
CA ASN A 211 14.79 -2.52 -22.29
C ASN A 211 14.04 -3.48 -23.23
N ASP A 212 13.37 -4.52 -22.70
CA ASP A 212 12.62 -5.44 -23.57
C ASP A 212 11.19 -4.96 -23.79
N ARG A 213 10.84 -3.80 -23.23
CA ARG A 213 9.50 -3.23 -23.34
C ARG A 213 8.45 -4.20 -22.81
N ASP A 214 8.81 -4.96 -21.78
CA ASP A 214 7.83 -5.82 -21.13
C ASP A 214 7.06 -4.98 -20.10
N TYR A 215 6.00 -4.30 -20.53
CA TYR A 215 5.35 -3.30 -19.72
C TYR A 215 4.36 -3.94 -18.76
N VAL A 216 3.92 -5.17 -19.07
CA VAL A 216 3.13 -5.96 -18.14
C VAL A 216 3.97 -6.15 -16.87
N SER A 217 5.22 -6.58 -17.04
CA SER A 217 6.06 -6.90 -15.90
C SER A 217 6.46 -5.61 -15.20
N VAL A 218 6.77 -4.59 -16.00
CA VAL A 218 7.11 -3.28 -15.46
C VAL A 218 5.95 -2.78 -14.62
N GLY A 219 4.71 -2.94 -15.10
CA GLY A 219 3.55 -2.49 -14.34
C GLY A 219 3.42 -3.22 -13.00
N GLU A 220 3.68 -4.52 -13.00
CA GLU A 220 3.59 -5.32 -11.78
C GLU A 220 4.59 -4.86 -10.73
N LEU A 221 5.83 -4.53 -11.17
CA LEU A 221 6.84 -4.08 -10.23
C LEU A 221 6.45 -2.70 -9.71
N MET A 222 5.84 -1.87 -10.57
CA MET A 222 5.36 -0.56 -10.15
C MET A 222 4.32 -0.72 -9.03
N ASN A 223 3.44 -1.71 -9.11
CA ASN A 223 2.42 -1.95 -8.09
C ASN A 223 3.06 -2.39 -6.79
N ILE A 224 4.14 -3.18 -6.89
CA ILE A 224 4.84 -3.63 -5.70
C ILE A 224 5.46 -2.42 -5.01
N ASP A 225 6.07 -1.55 -5.82
CA ASP A 225 6.72 -0.36 -5.32
C ASP A 225 5.70 0.47 -4.54
N GLN A 226 4.50 0.64 -5.12
CA GLN A 226 3.48 1.42 -4.46
C GLN A 226 3.19 0.86 -3.07
N GLY A 227 3.07 -0.47 -2.96
CA GLY A 227 2.86 -1.09 -1.67
C GLY A 227 4.00 -0.79 -0.70
N LEU A 228 5.25 -0.85 -1.20
CA LEU A 228 6.42 -0.60 -0.36
C LEU A 228 6.46 0.85 0.10
N LEU A 229 6.05 1.80 -0.76
CA LEU A 229 5.91 3.21 -0.38
C LEU A 229 4.81 3.41 0.67
N ASP A 230 3.70 2.70 0.48
CA ASP A 230 2.63 2.69 1.46
C ASP A 230 3.17 2.24 2.83
N ALA A 231 4.00 1.18 2.83
CA ALA A 231 4.57 0.62 4.05
C ALA A 231 5.48 1.61 4.80
N ILE A 232 6.26 2.45 4.11
CA ILE A 232 7.11 3.42 4.78
C ILE A 232 6.39 4.76 5.05
N GLY A 233 5.09 4.82 4.82
CA GLY A 233 4.23 5.89 5.34
C GLY A 233 4.05 7.10 4.40
N VAL A 234 4.36 6.97 3.09
CA VAL A 234 4.31 8.12 2.20
C VAL A 234 3.10 8.09 1.27
N SER A 235 2.09 7.25 1.55
CA SER A 235 0.89 7.27 0.74
C SER A 235 -0.28 7.88 1.52
N CYS A 236 -1.49 7.88 0.93
CA CYS A 236 -2.68 8.44 1.57
C CYS A 236 -3.89 7.96 0.79
N ALA A 237 -5.13 8.16 1.30
CA ALA A 237 -6.32 7.55 0.69
C ALA A 237 -6.57 8.11 -0.71
N GLU A 238 -6.26 9.40 -0.93
CA GLU A 238 -6.52 10.04 -2.21
C GLU A 238 -5.61 9.44 -3.29
N LEU A 239 -4.34 9.19 -2.93
CA LEU A 239 -3.41 8.56 -3.84
C LEU A 239 -3.88 7.16 -4.19
N SER A 240 -4.28 6.44 -3.14
CA SER A 240 -4.71 5.07 -3.27
C SER A 240 -5.91 4.96 -4.22
N SER A 241 -6.90 5.86 -4.08
CA SER A 241 -8.10 5.88 -4.92
C SER A 241 -7.74 6.01 -6.40
N LEU A 242 -6.87 6.97 -6.71
CA LEU A 242 -6.45 7.22 -8.09
C LEU A 242 -5.68 6.01 -8.62
N ILE A 243 -4.85 5.43 -7.77
CA ILE A 243 -4.00 4.30 -8.15
C ILE A 243 -4.85 3.07 -8.48
N TYR A 244 -5.82 2.73 -7.61
CA TYR A 244 -6.64 1.56 -7.85
C TYR A 244 -7.56 1.80 -9.06
N ALA A 245 -8.09 3.02 -9.21
CA ALA A 245 -8.94 3.31 -10.37
C ALA A 245 -8.16 3.06 -11.68
N ALA A 246 -6.90 3.51 -11.74
CA ALA A 246 -6.10 3.30 -12.96
C ALA A 246 -5.96 1.81 -13.27
N ARG A 247 -5.74 1.01 -12.23
CA ARG A 247 -5.56 -0.43 -12.36
C ARG A 247 -6.86 -1.09 -12.82
N GLU A 248 -8.00 -0.64 -12.30
CA GLU A 248 -9.26 -1.27 -12.62
C GLU A 248 -9.66 -0.96 -14.07
N SER A 249 -9.13 0.13 -14.66
CA SER A 249 -9.48 0.57 -16.00
CA SER A 249 -9.48 0.57 -16.00
C SER A 249 -8.44 0.13 -17.05
N GLY A 250 -7.53 -0.79 -16.71
CA GLY A 250 -6.66 -1.42 -17.69
C GLY A 250 -5.21 -0.91 -17.76
N ALA A 251 -4.75 -0.19 -16.73
CA ALA A 251 -3.36 0.20 -16.71
C ALA A 251 -2.47 -1.03 -16.46
N TYR A 252 -1.23 -0.97 -16.94
CA TYR A 252 -0.25 -2.00 -16.61
C TYR A 252 0.06 -1.95 -15.12
N GLY A 253 0.22 -0.73 -14.60
CA GLY A 253 0.51 -0.51 -13.20
C GLY A 253 0.42 0.99 -12.88
N SER A 254 0.41 1.28 -11.58
CA SER A 254 0.20 2.62 -11.08
C SER A 254 0.80 2.73 -9.69
N LYS A 255 1.27 3.93 -9.36
CA LYS A 255 1.91 4.17 -8.09
C LYS A 255 2.09 5.66 -7.93
N ILE A 256 2.46 6.04 -6.72
CA ILE A 256 3.05 7.34 -6.47
C ILE A 256 4.17 7.62 -7.46
N THR A 257 4.26 8.89 -7.89
CA THR A 257 5.51 9.42 -8.42
C THR A 257 5.98 10.57 -7.53
N GLY A 258 7.16 10.38 -6.92
CA GLY A 258 7.83 11.40 -6.13
C GLY A 258 7.62 11.26 -4.63
N ALA A 259 7.33 12.38 -3.96
CA ALA A 259 7.40 12.50 -2.50
C ALA A 259 6.25 11.76 -1.82
N GLY A 260 5.07 11.71 -2.46
CA GLY A 260 3.91 11.06 -1.85
C GLY A 260 3.20 11.99 -0.88
N GLY A 261 2.32 11.45 -0.02
CA GLY A 261 1.58 12.24 0.96
C GLY A 261 0.64 13.26 0.31
N GLY A 262 0.18 12.91 -0.88
CA GLY A 262 -0.44 13.84 -1.81
C GLY A 262 0.33 13.89 -3.12
N GLY A 263 0.17 15.01 -3.85
CA GLY A 263 0.83 15.20 -5.13
C GLY A 263 0.22 14.27 -6.18
N CYS A 264 1.11 13.71 -7.02
CA CYS A 264 0.70 12.92 -8.16
C CYS A 264 1.03 11.44 -8.01
N MET A 265 0.23 10.64 -8.71
CA MET A 265 0.56 9.26 -9.04
C MET A 265 0.82 9.17 -10.54
N VAL A 266 1.30 7.99 -10.97
CA VAL A 266 1.51 7.74 -12.38
C VAL A 266 0.98 6.35 -12.71
N ALA A 267 0.51 6.20 -13.95
CA ALA A 267 0.11 4.92 -14.48
C ALA A 267 0.68 4.76 -15.89
N ILE A 268 1.16 3.56 -16.22
CA ILE A 268 1.47 3.24 -17.60
C ILE A 268 0.38 2.30 -18.13
N SER A 269 0.06 2.38 -19.43
CA SER A 269 -1.12 1.72 -19.94
C SER A 269 -0.97 1.34 -21.42
N PRO A 270 -1.57 0.22 -21.89
CA PRO A 270 -1.67 -0.01 -23.32
C PRO A 270 -2.39 1.21 -23.90
N ARG A 271 -2.10 1.49 -25.17
CA ARG A 271 -2.58 2.71 -25.79
C ARG A 271 -4.10 2.63 -25.90
N GLU A 272 -4.67 1.42 -26.01
CA GLU A 272 -6.11 1.28 -26.16
C GLU A 272 -6.83 1.58 -24.84
N ASN A 273 -6.10 1.62 -23.70
CA ASN A 273 -6.72 1.86 -22.41
C ASN A 273 -6.49 3.29 -21.92
N VAL A 274 -5.81 4.13 -22.70
CA VAL A 274 -5.41 5.44 -22.20
C VAL A 274 -6.64 6.27 -21.82
N ASP A 275 -7.64 6.33 -22.70
CA ASP A 275 -8.80 7.17 -22.45
C ASP A 275 -9.57 6.66 -21.24
N SER A 276 -9.63 5.32 -21.13
CA SER A 276 -10.39 4.66 -20.09
C SER A 276 -9.71 4.85 -18.72
N VAL A 277 -8.37 4.87 -18.69
CA VAL A 277 -7.62 5.09 -17.46
C VAL A 277 -7.74 6.56 -17.05
N ALA A 278 -7.60 7.47 -18.03
CA ALA A 278 -7.74 8.89 -17.77
C ALA A 278 -9.09 9.14 -17.11
N GLU A 279 -10.15 8.58 -17.70
CA GLU A 279 -11.49 8.85 -17.23
C GLU A 279 -11.67 8.32 -15.80
N ALA A 280 -11.17 7.12 -15.55
CA ALA A 280 -11.27 6.50 -14.24
C ALA A 280 -10.53 7.31 -13.19
N ILE A 281 -9.36 7.87 -13.52
CA ILE A 281 -8.64 8.70 -12.56
C ILE A 281 -9.47 9.95 -12.28
N GLY A 282 -10.13 10.50 -13.28
CA GLY A 282 -10.96 11.68 -13.05
C GLY A 282 -12.17 11.38 -12.17
N MET A 283 -12.88 10.29 -12.49
CA MET A 283 -14.02 9.83 -11.72
C MET A 283 -13.69 9.44 -10.28
N ALA A 284 -12.40 9.18 -9.96
CA ALA A 284 -11.98 8.93 -8.59
C ALA A 284 -11.51 10.22 -7.93
N GLY A 285 -11.60 11.34 -8.67
CA GLY A 285 -11.45 12.67 -8.13
C GLY A 285 -10.07 13.27 -8.37
N GLY A 286 -9.30 12.72 -9.30
CA GLY A 286 -8.00 13.27 -9.63
C GLY A 286 -8.04 14.19 -10.86
N LYS A 287 -7.02 15.03 -11.02
CA LYS A 287 -6.84 15.80 -12.25
C LYS A 287 -5.75 15.13 -13.09
N VAL A 288 -6.09 14.81 -14.34
CA VAL A 288 -5.31 13.96 -15.19
C VAL A 288 -4.50 14.83 -16.13
N VAL A 289 -3.23 14.47 -16.31
CA VAL A 289 -2.47 14.95 -17.46
C VAL A 289 -2.04 13.73 -18.28
N VAL A 290 -2.50 13.68 -19.55
CA VAL A 290 -2.08 12.65 -20.49
C VAL A 290 -0.74 13.09 -21.06
N ALA A 291 0.30 12.29 -20.83
CA ALA A 291 1.62 12.63 -21.34
C ALA A 291 2.16 11.44 -22.12
N ASN A 292 3.33 11.64 -22.72
CA ASN A 292 4.10 10.56 -23.28
C ASN A 292 5.51 10.74 -22.75
N ALA A 293 6.23 9.62 -22.59
CA ALA A 293 7.66 9.69 -22.36
C ALA A 293 8.29 10.47 -23.52
N THR A 294 9.36 11.21 -23.22
CA THR A 294 10.08 11.96 -24.23
C THR A 294 11.57 11.67 -24.06
N ASP A 295 12.24 11.40 -25.19
CA ASP A 295 13.69 11.36 -25.26
C ASP A 295 14.25 12.77 -25.41
N ILE A 296 13.41 13.81 -25.44
CA ILE A 296 13.89 15.18 -25.62
C ILE A 296 14.12 15.83 -24.26
N GLY A 297 15.39 16.11 -23.95
CA GLY A 297 15.76 16.82 -22.74
C GLY A 297 15.73 18.33 -22.92
N VAL A 298 16.72 19.02 -22.35
CA VAL A 298 16.75 20.46 -22.48
C VAL A 298 17.05 20.80 -23.94
N ARG A 299 16.39 21.83 -24.48
CA ARG A 299 16.42 22.09 -25.90
C ARG A 299 16.23 23.58 -26.16
N VAL A 300 16.99 24.10 -27.13
CA VAL A 300 16.71 25.39 -27.72
C VAL A 300 15.60 25.20 -28.75
N GLU A 301 14.42 25.79 -28.47
CA GLU A 301 13.28 25.70 -29.37
C GLU A 301 13.32 26.84 -30.40
N CYS A 302 13.94 27.97 -30.05
CA CYS A 302 13.92 29.19 -30.83
C CYS A 302 15.19 30.00 -30.52
N GLN A 303 15.83 30.50 -31.58
CA GLN A 303 17.01 31.36 -31.47
C GLN A 303 16.96 32.34 -32.65
N LEU A 304 16.20 33.42 -32.48
CA LEU A 304 15.94 34.33 -33.58
C LEU A 304 17.17 35.20 -33.90
N VAL A 305 17.51 35.26 -35.19
CA VAL A 305 18.41 36.27 -35.72
C VAL A 305 17.60 37.57 -35.86
N PRO A 306 17.98 38.67 -35.16
CA PRO A 306 17.27 39.95 -35.29
C PRO A 306 17.25 40.52 -36.73
N MET B 1 -30.15 -28.91 27.46
CA MET B 1 -29.74 -28.04 26.32
C MET B 1 -28.31 -27.56 26.57
N ILE B 2 -27.40 -27.93 25.67
CA ILE B 2 -26.00 -27.53 25.75
C ILE B 2 -25.73 -26.39 24.76
N THR B 3 -25.21 -25.27 25.25
CA THR B 3 -24.71 -24.22 24.37
C THR B 3 -23.22 -24.02 24.60
N CYS B 4 -22.47 -24.15 23.49
CA CYS B 4 -21.06 -23.83 23.43
C CYS B 4 -20.85 -22.69 22.42
N SER B 5 -19.81 -21.88 22.66
CA SER B 5 -19.47 -20.80 21.75
C SER B 5 -17.97 -20.77 21.48
N ALA B 6 -17.60 -20.09 20.38
CA ALA B 6 -16.21 -19.84 20.06
C ALA B 6 -16.07 -18.47 19.43
N PRO B 7 -14.93 -17.78 19.68
CA PRO B 7 -14.74 -16.43 19.18
C PRO B 7 -14.25 -16.39 17.74
N GLY B 8 -14.48 -15.23 17.09
CA GLY B 8 -13.81 -14.91 15.84
C GLY B 8 -12.41 -14.40 16.14
N LYS B 9 -11.68 -13.98 15.10
CA LYS B 9 -10.32 -13.52 15.33
C LYS B 9 -9.87 -12.57 14.22
N VAL B 10 -8.82 -11.82 14.56
CA VAL B 10 -8.10 -10.94 13.63
C VAL B 10 -6.61 -11.35 13.62
N TYR B 11 -5.93 -10.97 12.54
CA TYR B 11 -4.48 -10.98 12.49
C TYR B 11 -3.96 -9.60 12.88
N LEU B 12 -3.11 -9.54 13.91
CA LEU B 12 -2.33 -8.34 14.13
C LEU B 12 -1.25 -8.27 13.05
N PHE B 13 -0.57 -9.41 12.81
CA PHE B 13 0.44 -9.48 11.78
C PHE B 13 0.48 -10.88 11.19
N GLY B 14 0.76 -10.99 9.88
CA GLY B 14 1.31 -12.24 9.38
C GLY B 14 0.44 -12.96 8.38
N GLU B 15 -0.79 -12.49 8.12
CA GLU B 15 -1.61 -13.12 7.10
C GLU B 15 -0.83 -13.19 5.80
N HIS B 16 -1.10 -14.23 4.99
CA HIS B 16 -0.52 -14.42 3.66
C HIS B 16 0.89 -14.98 3.71
N ALA B 17 1.58 -14.92 4.86
CA ALA B 17 3.00 -15.24 4.91
C ALA B 17 3.27 -16.50 5.71
N VAL B 18 2.25 -17.01 6.43
CA VAL B 18 2.40 -18.22 7.23
C VAL B 18 2.65 -19.41 6.30
N VAL B 19 1.97 -19.46 5.15
CA VAL B 19 2.12 -20.56 4.21
C VAL B 19 3.56 -20.57 3.66
N TYR B 20 4.33 -19.50 3.88
CA TYR B 20 5.70 -19.41 3.37
C TYR B 20 6.71 -19.69 4.47
N GLY B 21 6.22 -20.25 5.60
CA GLY B 21 7.04 -20.54 6.75
C GLY B 21 7.30 -19.34 7.67
N GLU B 22 6.44 -18.31 7.64
CA GLU B 22 6.68 -17.13 8.48
C GLU B 22 5.73 -17.16 9.69
N PRO B 23 6.14 -16.52 10.82
CA PRO B 23 5.32 -16.42 12.01
C PRO B 23 4.24 -15.35 11.85
N ALA B 24 3.23 -15.46 12.70
CA ALA B 24 2.10 -14.54 12.70
C ALA B 24 1.63 -14.34 14.14
N ILE B 25 0.88 -13.26 14.35
CA ILE B 25 0.23 -13.02 15.63
C ILE B 25 -1.25 -12.72 15.37
N CYS B 26 -2.10 -13.55 15.99
CA CYS B 26 -3.54 -13.46 15.87
C CYS B 26 -4.13 -13.15 17.22
N CYS B 27 -5.34 -12.57 17.21
CA CYS B 27 -6.04 -12.17 18.41
C CYS B 27 -7.52 -12.52 18.27
N ALA B 28 -8.01 -13.36 19.18
CA ALA B 28 -9.44 -13.65 19.31
C ALA B 28 -10.18 -12.40 19.77
N VAL B 29 -11.36 -12.17 19.19
CA VAL B 29 -12.20 -11.03 19.52
C VAL B 29 -13.58 -11.52 19.99
N ASP B 30 -14.31 -10.69 20.74
CA ASP B 30 -15.53 -11.12 21.42
C ASP B 30 -16.77 -11.05 20.52
N ILE B 31 -16.63 -11.42 19.24
CA ILE B 31 -17.76 -11.74 18.38
C ILE B 31 -17.75 -13.25 18.22
N ARG B 32 -18.88 -13.87 18.60
CA ARG B 32 -18.85 -15.30 18.86
C ARG B 32 -19.95 -16.01 18.08
N THR B 33 -19.70 -17.30 17.83
CA THR B 33 -20.68 -18.20 17.26
C THR B 33 -21.15 -19.18 18.35
N ARG B 34 -22.47 -19.26 18.56
CA ARG B 34 -23.09 -20.15 19.55
C ARG B 34 -23.71 -21.35 18.84
N VAL B 35 -23.38 -22.55 19.32
CA VAL B 35 -23.97 -23.79 18.83
C VAL B 35 -24.68 -24.46 20.02
N THR B 36 -26.00 -24.69 19.86
CA THR B 36 -26.84 -25.28 20.89
C THR B 36 -27.27 -26.69 20.45
N VAL B 37 -27.12 -27.68 21.34
CA VAL B 37 -27.50 -29.05 21.03
C VAL B 37 -28.42 -29.60 22.12
N SER B 38 -29.29 -30.54 21.71
CA SER B 38 -30.21 -31.28 22.55
C SER B 38 -30.45 -32.66 21.93
N PRO B 39 -30.45 -33.77 22.71
CA PRO B 39 -30.57 -35.11 22.14
C PRO B 39 -31.85 -35.26 21.32
N ALA B 40 -31.78 -36.10 20.28
CA ALA B 40 -32.93 -36.40 19.43
C ALA B 40 -32.72 -37.74 18.72
N ASP B 41 -33.79 -38.18 18.04
CA ASP B 41 -33.79 -39.36 17.20
C ASP B 41 -33.53 -38.96 15.73
N THR B 42 -33.53 -37.66 15.46
CA THR B 42 -33.34 -37.13 14.12
C THR B 42 -32.26 -36.03 14.14
N ILE B 43 -31.47 -35.93 13.06
CA ILE B 43 -30.47 -34.88 12.89
C ILE B 43 -31.11 -33.65 12.23
N THR B 44 -30.99 -32.51 12.90
CA THR B 44 -31.47 -31.23 12.41
C THR B 44 -30.36 -30.20 12.64
N ILE B 45 -30.13 -29.34 11.64
CA ILE B 45 -29.14 -28.27 11.72
C ILE B 45 -29.80 -26.98 11.27
N SER B 46 -30.09 -26.09 12.21
CA SER B 46 -30.81 -24.86 11.89
C SER B 46 -29.85 -23.69 11.96
N SER B 47 -29.92 -22.77 10.97
CA SER B 47 -29.04 -21.63 10.90
C SER B 47 -29.80 -20.45 10.32
N SER B 48 -29.07 -19.34 10.09
CA SER B 48 -29.56 -18.20 9.33
C SER B 48 -29.96 -18.63 7.92
N LEU B 49 -29.31 -19.69 7.42
CA LEU B 49 -29.61 -20.25 6.12
C LEU B 49 -30.96 -20.97 6.18
N GLY B 50 -31.04 -21.97 7.06
CA GLY B 50 -32.27 -22.73 7.25
C GLY B 50 -32.00 -24.03 8.00
N THR B 51 -32.94 -24.97 7.90
CA THR B 51 -32.81 -26.24 8.60
C THR B 51 -32.53 -27.35 7.59
N THR B 52 -31.48 -28.13 7.86
CA THR B 52 -31.12 -29.25 7.02
C THR B 52 -30.81 -30.44 7.91
N GLY B 53 -30.92 -31.64 7.35
CA GLY B 53 -30.17 -32.78 7.87
C GLY B 53 -28.70 -32.56 7.55
N ILE B 54 -27.91 -33.63 7.63
CA ILE B 54 -26.55 -33.59 7.14
C ILE B 54 -26.59 -33.09 5.69
N ASP B 55 -26.01 -31.91 5.47
CA ASP B 55 -25.98 -31.26 4.16
C ASP B 55 -24.63 -30.58 3.98
N PHE B 56 -23.81 -31.12 3.06
CA PHE B 56 -22.48 -30.62 2.86
C PHE B 56 -22.47 -29.43 1.89
N GLU B 57 -23.64 -28.98 1.44
CA GLU B 57 -23.73 -27.78 0.61
C GLU B 57 -24.06 -26.57 1.46
N VAL B 58 -25.04 -26.70 2.37
CA VAL B 58 -25.52 -25.59 3.18
C VAL B 58 -24.79 -25.54 4.53
N HIS B 59 -24.49 -26.71 5.11
CA HIS B 59 -23.92 -26.78 6.45
C HIS B 59 -22.73 -27.72 6.44
N PRO B 60 -21.69 -27.44 5.62
CA PRO B 60 -20.58 -28.37 5.42
C PRO B 60 -19.70 -28.61 6.64
N TYR B 61 -19.43 -27.55 7.40
CA TYR B 61 -18.53 -27.65 8.54
C TYR B 61 -19.20 -28.44 9.66
N VAL B 62 -20.49 -28.15 9.90
CA VAL B 62 -21.23 -28.85 10.93
C VAL B 62 -21.39 -30.32 10.55
N SER B 63 -21.80 -30.57 9.29
CA SER B 63 -22.00 -31.91 8.77
C SER B 63 -20.73 -32.74 8.95
N ALA B 64 -19.56 -32.14 8.68
CA ALA B 64 -18.29 -32.87 8.81
C ALA B 64 -18.08 -33.29 10.26
N VAL B 65 -18.35 -32.35 11.20
CA VAL B 65 -18.12 -32.58 12.61
C VAL B 65 -19.02 -33.73 13.08
N LEU B 66 -20.32 -33.66 12.74
CA LEU B 66 -21.29 -34.66 13.16
C LEU B 66 -20.87 -36.05 12.68
N GLU B 67 -20.33 -36.13 11.46
CA GLU B 67 -19.88 -37.40 10.89
C GLU B 67 -18.68 -37.92 11.68
N ARG B 68 -17.70 -37.05 11.94
CA ARG B 68 -16.50 -37.43 12.65
C ARG B 68 -16.87 -37.94 14.05
N PHE B 69 -17.96 -37.43 14.63
CA PHE B 69 -18.43 -37.92 15.93
C PHE B 69 -19.06 -39.29 15.79
N GLN B 70 -19.87 -39.50 14.75
CA GLN B 70 -20.44 -40.81 14.43
C GLN B 70 -19.34 -41.86 14.29
N ASP B 71 -18.14 -41.42 13.93
CA ASP B 71 -16.97 -42.28 13.77
C ASP B 71 -16.41 -42.73 15.11
N ILE B 72 -16.76 -42.04 16.22
CA ILE B 72 -16.24 -42.36 17.55
C ILE B 72 -17.38 -42.47 18.57
N SER B 73 -18.64 -42.50 18.13
CA SER B 73 -19.79 -42.54 19.03
C SER B 73 -21.07 -42.72 18.23
N SER B 74 -21.90 -43.71 18.57
CA SER B 74 -23.23 -43.77 17.98
C SER B 74 -24.16 -42.80 18.69
N PHE B 75 -24.96 -42.06 17.92
CA PHE B 75 -26.01 -41.22 18.48
C PHE B 75 -27.18 -41.24 17.50
N ASP B 76 -28.40 -41.27 18.05
CA ASP B 76 -29.61 -41.37 17.25
C ASP B 76 -29.87 -40.08 16.48
N GLY B 77 -29.21 -38.97 16.87
CA GLY B 77 -29.46 -37.68 16.26
C GLY B 77 -29.36 -36.57 17.30
N VAL B 78 -29.59 -35.31 16.88
CA VAL B 78 -29.43 -34.18 17.77
C VAL B 78 -30.08 -32.95 17.13
N ASP B 79 -30.79 -32.15 17.93
CA ASP B 79 -31.30 -30.87 17.48
C ASP B 79 -30.21 -29.81 17.68
N LEU B 80 -29.60 -29.35 16.58
CA LEU B 80 -28.49 -28.42 16.62
C LEU B 80 -28.87 -27.09 15.97
N ARG B 81 -28.68 -25.99 16.72
CA ARG B 81 -28.98 -24.64 16.26
C ARG B 81 -27.71 -23.80 16.33
N ILE B 82 -27.59 -22.87 15.38
CA ILE B 82 -26.42 -22.01 15.24
C ILE B 82 -26.88 -20.56 15.23
N SER B 83 -26.29 -19.77 16.14
CA SER B 83 -26.46 -18.32 16.23
C SER B 83 -25.06 -17.69 16.13
N SER B 84 -24.90 -16.52 15.46
CA SER B 84 -23.56 -15.92 15.36
C SER B 84 -23.60 -14.41 15.31
N ASP B 85 -22.60 -13.78 15.94
CA ASP B 85 -22.42 -12.34 15.89
C ASP B 85 -21.36 -11.99 14.84
N ILE B 86 -20.73 -13.02 14.23
CA ILE B 86 -19.69 -12.84 13.23
C ILE B 86 -20.37 -12.70 11.88
N PRO B 87 -20.27 -11.51 11.22
CA PRO B 87 -20.90 -11.32 9.91
C PRO B 87 -20.48 -12.41 8.92
N VAL B 88 -21.43 -12.83 8.09
CA VAL B 88 -21.19 -13.81 7.04
C VAL B 88 -20.27 -13.18 5.99
N GLY B 89 -19.34 -14.01 5.49
CA GLY B 89 -18.32 -13.60 4.51
C GLY B 89 -17.40 -12.48 5.02
N SER B 90 -17.26 -12.36 6.33
CA SER B 90 -16.52 -11.24 6.90
C SER B 90 -15.03 -11.55 6.96
N GLY B 91 -14.67 -12.84 6.99
CA GLY B 91 -13.28 -13.25 7.03
C GLY B 91 -12.65 -13.11 8.42
N LEU B 92 -13.45 -13.40 9.46
CA LEU B 92 -13.03 -13.28 10.84
C LEU B 92 -13.03 -14.65 11.53
N GLY B 93 -12.79 -15.72 10.75
CA GLY B 93 -12.75 -17.09 11.25
C GLY B 93 -14.16 -17.67 11.52
N SER B 94 -15.17 -17.20 10.75
CA SER B 94 -16.53 -17.72 10.90
C SER B 94 -16.53 -19.24 10.85
N SER B 95 -15.88 -19.83 9.85
CA SER B 95 -15.99 -21.26 9.63
C SER B 95 -15.31 -22.04 10.76
N ALA B 96 -14.18 -21.48 11.24
CA ALA B 96 -13.45 -22.10 12.35
C ALA B 96 -14.23 -22.00 13.67
N ALA B 97 -14.94 -20.90 13.90
CA ALA B 97 -15.67 -20.71 15.15
C ALA B 97 -16.83 -21.72 15.23
N VAL B 98 -17.56 -21.90 14.12
CA VAL B 98 -18.69 -22.81 14.12
C VAL B 98 -18.20 -24.25 14.23
N THR B 99 -17.10 -24.59 13.55
CA THR B 99 -16.49 -25.91 13.64
C THR B 99 -16.13 -26.22 15.08
N VAL B 100 -15.41 -25.29 15.72
CA VAL B 100 -14.86 -25.53 17.04
C VAL B 100 -16.01 -25.54 18.04
N ALA B 101 -17.00 -24.67 17.87
CA ALA B 101 -18.11 -24.64 18.83
C ALA B 101 -18.91 -25.93 18.74
N THR B 102 -19.02 -26.48 17.53
CA THR B 102 -19.82 -27.67 17.29
C THR B 102 -19.13 -28.87 17.92
N ILE B 103 -17.81 -28.97 17.74
CA ILE B 103 -17.04 -30.05 18.34
C ILE B 103 -17.22 -30.04 19.85
N LYS B 104 -17.04 -28.86 20.45
CA LYS B 104 -17.15 -28.74 21.90
C LYS B 104 -18.56 -29.16 22.34
N ALA B 105 -19.59 -28.71 21.62
CA ALA B 105 -20.96 -29.02 21.95
C ALA B 105 -21.24 -30.53 21.86
N MET B 106 -20.56 -31.23 20.94
CA MET B 106 -20.74 -32.66 20.76
C MET B 106 -19.89 -33.41 21.78
N ASP B 107 -18.68 -32.91 22.08
CA ASP B 107 -17.89 -33.51 23.14
C ASP B 107 -18.69 -33.50 24.43
N THR B 108 -19.47 -32.42 24.64
CA THR B 108 -20.19 -32.20 25.88
C THR B 108 -21.42 -33.11 25.92
N LEU B 109 -22.19 -33.12 24.82
CA LEU B 109 -23.38 -33.94 24.70
C LEU B 109 -23.09 -35.42 24.99
N LEU B 110 -21.89 -35.91 24.59
CA LEU B 110 -21.61 -37.33 24.60
C LEU B 110 -20.45 -37.66 25.53
N ASP B 111 -20.04 -36.68 26.37
CA ASP B 111 -19.03 -36.91 27.39
C ASP B 111 -17.88 -37.74 26.82
N LEU B 112 -17.14 -37.18 25.85
CA LEU B 112 -16.04 -37.89 25.20
C LEU B 112 -14.68 -37.40 25.69
N GLY B 113 -14.68 -36.37 26.55
CA GLY B 113 -13.50 -35.96 27.30
C GLY B 113 -12.39 -35.32 26.45
N LEU B 114 -12.74 -34.78 25.27
CA LEU B 114 -11.74 -34.21 24.38
C LEU B 114 -11.05 -33.03 25.07
N GLU B 115 -9.72 -33.00 24.95
CA GLU B 115 -8.91 -31.86 25.39
C GLU B 115 -8.92 -30.80 24.28
N LEU B 116 -8.44 -29.60 24.63
CA LEU B 116 -8.46 -28.47 23.71
C LEU B 116 -7.60 -28.76 22.47
N ASP B 117 -6.44 -29.38 22.69
CA ASP B 117 -5.54 -29.72 21.59
C ASP B 117 -6.27 -30.62 20.58
N ASP B 118 -6.96 -31.64 21.11
CA ASP B 118 -7.76 -32.57 20.31
C ASP B 118 -8.81 -31.80 19.51
N ILE B 119 -9.47 -30.83 20.17
CA ILE B 119 -10.52 -30.06 19.55
C ILE B 119 -9.93 -29.25 18.38
N ALA B 120 -8.79 -28.61 18.63
CA ALA B 120 -8.10 -27.82 17.63
C ALA B 120 -7.70 -28.66 16.42
N LYS B 121 -7.13 -29.85 16.67
CA LYS B 121 -6.67 -30.72 15.60
C LYS B 121 -7.85 -31.18 14.76
N MET B 122 -8.90 -31.67 15.42
CA MET B 122 -10.07 -32.12 14.68
C MET B 122 -10.65 -30.95 13.89
N GLY B 123 -10.66 -29.74 14.49
CA GLY B 123 -11.06 -28.53 13.78
C GLY B 123 -10.27 -28.31 12.47
N HIS B 124 -8.95 -28.42 12.55
CA HIS B 124 -8.08 -28.27 11.40
C HIS B 124 -8.47 -29.30 10.34
N GLU B 125 -8.66 -30.55 10.77
CA GLU B 125 -8.94 -31.64 9.84
C GLU B 125 -10.25 -31.34 9.12
N VAL B 126 -11.25 -30.84 9.84
CA VAL B 126 -12.53 -30.52 9.23
C VAL B 126 -12.36 -29.47 8.13
N GLU B 127 -11.67 -28.36 8.44
CA GLU B 127 -11.49 -27.31 7.45
C GLU B 127 -10.68 -27.84 6.27
N GLN B 128 -9.67 -28.69 6.57
CA GLN B 128 -8.72 -29.21 5.59
C GLN B 128 -9.45 -29.98 4.52
N ASN B 129 -10.74 -30.11 4.74
CA ASN B 129 -11.57 -31.02 4.00
C ASN B 129 -12.52 -30.23 3.15
N ILE B 130 -13.28 -29.39 3.84
CA ILE B 130 -14.29 -28.60 3.18
C ILE B 130 -13.63 -27.72 2.13
N GLN B 131 -12.44 -27.19 2.44
CA GLN B 131 -11.81 -26.17 1.60
C GLN B 131 -10.63 -26.75 0.83
N GLY B 132 -10.34 -28.05 1.00
CA GLY B 132 -9.33 -28.72 0.21
C GLY B 132 -7.98 -28.72 0.90
N THR B 133 -7.43 -27.53 1.12
CA THR B 133 -6.31 -27.35 2.04
C THR B 133 -6.64 -26.22 3.01
N ALA B 134 -6.02 -26.30 4.19
CA ALA B 134 -6.24 -25.29 5.20
C ALA B 134 -5.14 -25.38 6.22
N SER B 135 -4.91 -24.22 6.83
CA SER B 135 -3.89 -24.02 7.82
C SER B 135 -4.51 -24.27 9.20
N PRO B 136 -3.75 -24.75 10.20
CA PRO B 136 -4.29 -24.97 11.53
C PRO B 136 -4.52 -23.71 12.37
N THR B 137 -4.19 -22.54 11.81
CA THR B 137 -4.21 -21.29 12.55
C THR B 137 -5.59 -20.94 13.11
N ASP B 138 -6.61 -20.90 12.25
CA ASP B 138 -7.90 -20.38 12.61
C ASP B 138 -8.51 -21.21 13.75
N THR B 139 -8.53 -22.53 13.60
CA THR B 139 -9.15 -23.41 14.58
C THR B 139 -8.35 -23.44 15.87
N TYR B 140 -7.03 -23.26 15.80
CA TYR B 140 -6.28 -23.22 17.06
C TYR B 140 -6.62 -21.95 17.84
N VAL B 141 -6.57 -20.76 17.20
CA VAL B 141 -6.83 -19.51 17.89
C VAL B 141 -8.28 -19.49 18.43
N CYS B 142 -9.25 -19.92 17.61
CA CYS B 142 -10.64 -19.94 18.01
C CYS B 142 -10.85 -20.91 19.16
N THR B 143 -10.04 -21.97 19.25
CA THR B 143 -10.13 -22.94 20.34
C THR B 143 -9.59 -22.33 21.63
N MET B 144 -8.44 -21.65 21.54
CA MET B 144 -7.68 -21.23 22.71
C MET B 144 -8.06 -19.83 23.20
N GLY B 145 -8.41 -18.93 22.26
CA GLY B 145 -8.66 -17.53 22.59
C GLY B 145 -7.36 -16.77 22.86
N GLY B 146 -7.49 -15.49 23.20
CA GLY B 146 -6.37 -14.65 23.57
C GLY B 146 -5.51 -14.28 22.37
N VAL B 147 -4.34 -13.71 22.66
CA VAL B 147 -3.34 -13.42 21.66
C VAL B 147 -2.41 -14.63 21.53
N VAL B 148 -2.20 -15.08 20.28
CA VAL B 148 -1.42 -16.27 19.99
C VAL B 148 -0.39 -15.93 18.91
N LEU B 149 0.87 -16.19 19.24
CA LEU B 149 1.95 -16.18 18.29
C LEU B 149 1.98 -17.54 17.59
N ILE B 150 1.90 -17.50 16.24
CA ILE B 150 1.71 -18.67 15.38
C ILE B 150 2.98 -18.82 14.54
N PRO B 151 3.47 -20.04 14.22
CA PRO B 151 2.98 -21.31 14.78
C PRO B 151 3.65 -21.89 16.03
N GLN B 152 4.52 -21.14 16.73
CA GLN B 152 5.01 -21.55 18.04
C GLN B 152 3.86 -21.92 18.98
N ARG B 153 2.67 -21.33 18.73
CA ARG B 153 1.50 -21.50 19.58
C ARG B 153 1.86 -21.04 20.98
N LYS B 154 2.21 -19.76 21.07
CA LYS B 154 2.62 -19.14 22.32
C LYS B 154 1.63 -18.03 22.67
N LYS B 155 1.19 -18.02 23.94
CA LYS B 155 0.22 -17.05 24.40
C LYS B 155 0.93 -15.75 24.72
N LEU B 156 0.33 -14.62 24.32
CA LEU B 156 0.90 -13.32 24.57
C LEU B 156 -0.11 -12.51 25.37
N GLU B 157 0.37 -11.40 25.91
CA GLU B 157 -0.43 -10.48 26.69
C GLU B 157 -1.64 -10.04 25.86
N LEU B 158 -2.85 -10.20 26.41
CA LEU B 158 -4.07 -9.84 25.72
C LEU B 158 -4.04 -8.36 25.34
N ILE B 159 -4.53 -8.01 24.13
CA ILE B 159 -4.61 -6.62 23.71
C ILE B 159 -5.67 -5.91 24.57
N ASP B 160 -5.25 -4.88 25.32
CA ASP B 160 -6.09 -4.25 26.32
C ASP B 160 -6.78 -3.00 25.75
N CYS B 161 -6.41 -2.56 24.53
CA CYS B 161 -6.95 -1.32 23.97
C CYS B 161 -8.18 -1.61 23.13
N GLY B 162 -8.79 -0.57 22.52
CA GLY B 162 -9.93 -0.76 21.65
C GLY B 162 -9.54 -1.38 20.30
N ILE B 163 -10.40 -2.28 19.81
CA ILE B 163 -10.26 -2.92 18.52
C ILE B 163 -11.52 -2.63 17.71
N LEU B 164 -11.35 -2.07 16.51
CA LEU B 164 -12.45 -1.93 15.57
C LEU B 164 -12.21 -2.79 14.33
N ILE B 165 -13.29 -3.38 13.85
CA ILE B 165 -13.31 -4.11 12.61
C ILE B 165 -14.20 -3.34 11.63
N GLY B 166 -13.66 -3.04 10.46
CA GLY B 166 -14.41 -2.37 9.42
C GLY B 166 -14.60 -3.32 8.22
N ASN B 167 -15.85 -3.56 7.88
CA ASN B 167 -16.20 -4.47 6.79
C ASN B 167 -16.44 -3.67 5.51
N THR B 168 -15.82 -4.10 4.41
CA THR B 168 -16.00 -3.45 3.12
C THR B 168 -17.28 -3.95 2.45
N ASN B 169 -17.78 -5.09 2.93
CA ASN B 169 -18.91 -5.83 2.37
C ASN B 169 -18.62 -6.32 0.96
N ILE B 170 -17.33 -6.54 0.68
CA ILE B 170 -16.90 -7.23 -0.52
C ILE B 170 -16.38 -8.61 -0.11
N PHE B 171 -17.01 -9.66 -0.63
CA PHE B 171 -16.59 -11.01 -0.28
C PHE B 171 -15.26 -11.29 -0.98
N SER B 172 -14.30 -11.76 -0.18
CA SER B 172 -12.93 -12.04 -0.60
C SER B 172 -12.88 -13.42 -1.27
N SER B 173 -12.43 -13.48 -2.54
CA SER B 173 -12.15 -14.75 -3.17
C SER B 173 -10.77 -15.23 -2.72
N THR B 174 -10.73 -16.03 -1.65
CA THR B 174 -9.52 -16.32 -0.92
C THR B 174 -8.53 -17.13 -1.77
N LYS B 175 -9.04 -18.17 -2.43
CA LYS B 175 -8.20 -19.12 -3.12
C LYS B 175 -7.50 -18.40 -4.27
N GLU B 176 -8.25 -17.46 -4.88
CA GLU B 176 -7.74 -16.61 -5.95
C GLU B 176 -6.63 -15.70 -5.43
N LEU B 177 -6.89 -14.98 -4.31
CA LEU B 177 -5.92 -14.06 -3.73
C LEU B 177 -4.66 -14.81 -3.32
N VAL B 178 -4.82 -15.98 -2.69
CA VAL B 178 -3.70 -16.83 -2.28
C VAL B 178 -2.88 -17.25 -3.50
N GLY B 179 -3.58 -17.55 -4.61
CA GLY B 179 -2.97 -18.02 -5.83
C GLY B 179 -2.23 -16.90 -6.58
N ASN B 180 -2.80 -15.69 -6.59
CA ASN B 180 -2.13 -14.54 -7.18
C ASN B 180 -0.81 -14.24 -6.46
N VAL B 181 -0.81 -14.40 -5.12
CA VAL B 181 0.38 -14.16 -4.31
C VAL B 181 1.45 -15.20 -4.64
N ALA B 182 1.05 -16.47 -4.80
CA ALA B 182 1.99 -17.53 -5.12
C ALA B 182 2.55 -17.33 -6.51
N ASP B 183 1.70 -16.93 -7.47
CA ASP B 183 2.11 -16.61 -8.84
C ASP B 183 3.08 -15.42 -8.85
N LEU B 184 2.81 -14.38 -8.06
CA LEU B 184 3.67 -13.20 -8.05
C LEU B 184 5.03 -13.56 -7.48
N ASN B 185 5.05 -14.40 -6.45
CA ASN B 185 6.29 -14.85 -5.83
C ASN B 185 7.12 -15.66 -6.82
N GLU B 186 6.44 -16.50 -7.62
CA GLU B 186 7.07 -17.38 -8.59
C GLU B 186 7.68 -16.54 -9.70
N ARG B 187 6.98 -15.48 -10.13
CA ARG B 187 7.43 -14.59 -11.19
C ARG B 187 8.58 -13.72 -10.69
N PHE B 188 8.51 -13.24 -9.44
CA PHE B 188 9.48 -12.31 -8.91
C PHE B 188 9.97 -12.76 -7.56
N PRO B 189 10.68 -13.91 -7.48
CA PRO B 189 11.02 -14.53 -6.18
C PRO B 189 11.94 -13.70 -5.30
N ASP B 190 12.84 -12.92 -5.91
CA ASP B 190 13.82 -12.18 -5.16
C ASP B 190 13.30 -10.78 -4.80
N VAL B 191 12.11 -10.42 -5.31
CA VAL B 191 11.43 -9.22 -4.84
C VAL B 191 10.41 -9.61 -3.77
N VAL B 192 9.53 -10.56 -4.10
CA VAL B 192 8.42 -10.92 -3.23
C VAL B 192 8.91 -11.73 -2.04
N GLY B 193 9.96 -12.55 -2.25
CA GLY B 193 10.53 -13.36 -1.17
C GLY B 193 10.86 -12.50 0.05
N PRO B 194 11.74 -11.50 -0.09
CA PRO B 194 11.97 -10.56 1.02
C PRO B 194 10.79 -9.80 1.61
N VAL B 195 9.75 -9.52 0.80
CA VAL B 195 8.56 -8.84 1.28
C VAL B 195 7.86 -9.77 2.26
N LEU B 196 7.75 -11.05 1.89
CA LEU B 196 7.12 -12.04 2.75
C LEU B 196 7.93 -12.23 4.04
N SER B 197 9.27 -12.29 3.92
CA SER B 197 10.15 -12.34 5.08
C SER B 197 9.94 -11.15 5.98
N SER B 198 9.74 -9.98 5.37
CA SER B 198 9.56 -8.75 6.12
C SER B 198 8.27 -8.84 6.95
N ILE B 199 7.24 -9.50 6.40
CA ILE B 199 5.98 -9.66 7.12
C ILE B 199 6.26 -10.54 8.34
N GLY B 200 7.03 -11.63 8.15
CA GLY B 200 7.37 -12.51 9.28
C GLY B 200 8.07 -11.77 10.42
N LYS B 201 9.00 -10.90 10.07
CA LYS B 201 9.80 -10.18 11.06
C LYS B 201 8.96 -9.31 11.99
N LEU B 202 7.83 -8.78 11.49
CA LEU B 202 6.94 -7.98 12.32
C LEU B 202 6.53 -8.76 13.55
N SER B 203 6.33 -10.09 13.45
CA SER B 203 5.94 -10.89 14.60
C SER B 203 7.11 -11.18 15.54
N VAL B 204 8.35 -11.15 15.05
CA VAL B 204 9.52 -11.38 15.89
C VAL B 204 9.66 -10.19 16.86
N ILE B 205 9.79 -9.00 16.29
CA ILE B 205 9.83 -7.78 17.08
C ILE B 205 8.48 -7.49 17.75
N GLY B 206 7.36 -7.85 17.10
CA GLY B 206 6.02 -7.56 17.62
C GLY B 206 5.67 -8.34 18.89
N GLU B 207 6.20 -9.56 19.02
CA GLU B 207 5.94 -10.38 20.20
C GLU B 207 6.22 -9.57 21.48
N GLY B 208 7.43 -9.01 21.58
CA GLY B 208 7.83 -8.24 22.74
C GLY B 208 6.97 -7.01 22.94
N LEU B 209 6.68 -6.28 21.84
CA LEU B 209 5.97 -5.01 21.94
C LEU B 209 4.52 -5.26 22.37
N VAL B 210 3.94 -6.39 21.93
CA VAL B 210 2.63 -6.80 22.42
C VAL B 210 2.68 -7.11 23.92
N ASN B 211 3.69 -7.88 24.36
CA ASN B 211 3.87 -8.18 25.78
C ASN B 211 4.04 -6.92 26.64
N ASP B 212 4.70 -5.88 26.12
CA ASP B 212 4.89 -4.65 26.90
C ASP B 212 3.73 -3.70 26.71
N ARG B 213 2.72 -4.09 25.91
CA ARG B 213 1.54 -3.28 25.65
C ARG B 213 1.97 -1.94 25.06
N ASP B 214 3.04 -1.96 24.26
CA ASP B 214 3.41 -0.77 23.52
C ASP B 214 2.59 -0.73 22.22
N TYR B 215 1.38 -0.17 22.31
CA TYR B 215 0.41 -0.25 21.23
C TYR B 215 0.69 0.80 20.18
N VAL B 216 1.41 1.87 20.56
CA VAL B 216 1.89 2.82 19.56
C VAL B 216 2.77 2.08 18.55
N SER B 217 3.73 1.30 19.05
CA SER B 217 4.69 0.61 18.21
C SER B 217 3.99 -0.49 17.46
N VAL B 218 3.08 -1.18 18.15
CA VAL B 218 2.31 -2.25 17.53
C VAL B 218 1.51 -1.66 16.37
N GLY B 219 0.91 -0.49 16.56
CA GLY B 219 0.15 0.14 15.49
C GLY B 219 1.03 0.47 14.27
N GLU B 220 2.25 0.95 14.52
CA GLU B 220 3.16 1.31 13.44
C GLU B 220 3.57 0.09 12.61
N LEU B 221 3.78 -1.05 13.28
CA LEU B 221 4.14 -2.26 12.54
C LEU B 221 2.94 -2.74 11.74
N MET B 222 1.73 -2.57 12.30
CA MET B 222 0.53 -2.93 11.59
C MET B 222 0.42 -2.14 10.29
N ASN B 223 0.81 -0.85 10.29
CA ASN B 223 0.71 0.00 9.10
C ASN B 223 1.73 -0.46 8.06
N ILE B 224 2.90 -0.91 8.53
CA ILE B 224 3.92 -1.40 7.61
C ILE B 224 3.41 -2.65 6.93
N ASP B 225 2.80 -3.54 7.73
CA ASP B 225 2.25 -4.79 7.26
C ASP B 225 1.23 -4.52 6.17
N GLN B 226 0.37 -3.52 6.40
CA GLN B 226 -0.65 -3.18 5.41
C GLN B 226 0.02 -2.83 4.07
N GLY B 227 1.08 -2.04 4.12
CA GLY B 227 1.83 -1.69 2.93
C GLY B 227 2.39 -2.93 2.22
N LEU B 228 2.93 -3.87 3.01
CA LEU B 228 3.53 -5.08 2.45
C LEU B 228 2.43 -5.94 1.80
N LEU B 229 1.24 -6.01 2.42
CA LEU B 229 0.09 -6.72 1.81
C LEU B 229 -0.39 -6.02 0.54
N ASP B 230 -0.38 -4.68 0.54
CA ASP B 230 -0.68 -3.90 -0.66
C ASP B 230 0.29 -4.30 -1.78
N ALA B 231 1.58 -4.42 -1.46
CA ALA B 231 2.64 -4.74 -2.41
C ALA B 231 2.46 -6.12 -3.05
N ILE B 232 1.98 -7.13 -2.29
CA ILE B 232 1.75 -8.46 -2.86
C ILE B 232 0.35 -8.60 -3.48
N GLY B 233 -0.43 -7.51 -3.55
CA GLY B 233 -1.61 -7.46 -4.40
C GLY B 233 -2.93 -7.87 -3.73
N VAL B 234 -2.99 -7.92 -2.38
CA VAL B 234 -4.18 -8.37 -1.68
C VAL B 234 -4.98 -7.21 -1.07
N SER B 235 -4.72 -5.95 -1.45
CA SER B 235 -5.53 -4.84 -0.99
C SER B 235 -6.41 -4.27 -2.11
N CYS B 236 -7.17 -3.21 -1.83
CA CYS B 236 -8.08 -2.59 -2.81
C CYS B 236 -8.51 -1.24 -2.27
N ALA B 237 -9.19 -0.41 -3.11
CA ALA B 237 -9.47 0.98 -2.75
C ALA B 237 -10.35 1.08 -1.51
N GLU B 238 -11.32 0.16 -1.38
CA GLU B 238 -12.30 0.22 -0.31
C GLU B 238 -11.62 -0.06 1.03
N LEU B 239 -10.71 -1.05 1.03
CA LEU B 239 -9.92 -1.37 2.22
C LEU B 239 -9.08 -0.18 2.61
N SER B 240 -8.45 0.40 1.60
CA SER B 240 -7.54 1.52 1.80
C SER B 240 -8.25 2.70 2.44
N SER B 241 -9.46 3.03 1.93
CA SER B 241 -10.25 4.12 2.47
C SER B 241 -10.53 3.94 3.96
N LEU B 242 -11.01 2.75 4.34
CA LEU B 242 -11.33 2.43 5.72
C LEU B 242 -10.07 2.52 6.58
N ILE B 243 -8.95 2.02 6.04
CA ILE B 243 -7.68 1.99 6.76
C ILE B 243 -7.17 3.39 7.04
N TYR B 244 -7.17 4.28 6.04
CA TYR B 244 -6.69 5.64 6.22
C TYR B 244 -7.63 6.43 7.16
N ALA B 245 -8.93 6.22 7.02
CA ALA B 245 -9.89 6.89 7.89
C ALA B 245 -9.61 6.54 9.35
N ALA B 246 -9.38 5.25 9.64
CA ALA B 246 -9.10 4.84 11.03
C ALA B 246 -7.88 5.57 11.58
N ARG B 247 -6.84 5.67 10.75
CA ARG B 247 -5.60 6.33 11.12
C ARG B 247 -5.79 7.82 11.35
N GLU B 248 -6.61 8.47 10.51
CA GLU B 248 -6.75 9.91 10.62
C GLU B 248 -7.62 10.27 11.82
N SER B 249 -8.39 9.31 12.37
CA SER B 249 -9.27 9.53 13.53
C SER B 249 -8.65 9.06 14.85
N GLY B 250 -7.35 8.76 14.88
CA GLY B 250 -6.66 8.50 16.15
C GLY B 250 -6.40 7.03 16.49
N ALA B 251 -6.46 6.13 15.50
CA ALA B 251 -6.10 4.75 15.74
C ALA B 251 -4.58 4.66 15.92
N TYR B 252 -4.12 3.64 16.66
CA TYR B 252 -2.70 3.36 16.73
C TYR B 252 -2.20 2.89 15.36
N GLY B 253 -3.02 2.09 14.68
CA GLY B 253 -2.71 1.58 13.37
C GLY B 253 -3.90 0.78 12.84
N SER B 254 -3.83 0.42 11.54
CA SER B 254 -4.90 -0.24 10.84
C SER B 254 -4.36 -0.98 9.64
N LYS B 255 -5.05 -2.06 9.27
CA LYS B 255 -4.63 -2.87 8.15
C LYS B 255 -5.73 -3.85 7.83
N ILE B 256 -5.56 -4.53 6.70
CA ILE B 256 -6.30 -5.75 6.44
C ILE B 256 -6.22 -6.71 7.62
N THR B 257 -7.31 -7.42 7.88
CA THR B 257 -7.26 -8.70 8.59
C THR B 257 -7.77 -9.82 7.67
N GLY B 258 -6.88 -10.76 7.37
CA GLY B 258 -7.22 -11.97 6.65
C GLY B 258 -6.79 -11.97 5.19
N ALA B 259 -7.65 -12.55 4.33
CA ALA B 259 -7.37 -12.80 2.92
C ALA B 259 -7.19 -11.53 2.07
N GLY B 260 -7.84 -10.41 2.43
CA GLY B 260 -7.75 -9.19 1.66
C GLY B 260 -8.70 -9.19 0.45
N GLY B 261 -8.48 -8.29 -0.52
CA GLY B 261 -9.28 -8.25 -1.74
C GLY B 261 -10.74 -7.89 -1.47
N GLY B 262 -10.96 -7.12 -0.41
CA GLY B 262 -12.25 -6.95 0.22
C GLY B 262 -12.23 -7.46 1.65
N GLY B 263 -13.41 -7.83 2.15
CA GLY B 263 -13.55 -8.33 3.51
C GLY B 263 -13.38 -7.19 4.51
N CYS B 264 -12.67 -7.52 5.60
CA CYS B 264 -12.50 -6.60 6.72
C CYS B 264 -11.06 -6.11 6.86
N MET B 265 -10.97 -4.93 7.45
CA MET B 265 -9.75 -4.41 8.04
C MET B 265 -9.92 -4.37 9.55
N VAL B 266 -8.81 -4.06 10.24
CA VAL B 266 -8.82 -3.95 11.68
C VAL B 266 -8.02 -2.72 12.06
N ALA B 267 -8.40 -2.09 13.18
CA ALA B 267 -7.65 -1.01 13.77
C ALA B 267 -7.59 -1.22 15.28
N ILE B 268 -6.46 -0.88 15.88
CA ILE B 268 -6.38 -0.77 17.33
C ILE B 268 -6.30 0.70 17.69
N SER B 269 -6.86 1.07 18.85
CA SER B 269 -7.04 2.48 19.17
C SER B 269 -7.04 2.71 20.69
N PRO B 270 -6.53 3.86 21.17
CA PRO B 270 -6.76 4.22 22.56
C PRO B 270 -8.28 4.16 22.76
N ARG B 271 -8.72 3.74 23.96
CA ARG B 271 -10.14 3.60 24.25
C ARG B 271 -10.84 4.95 24.10
N GLU B 272 -10.11 6.07 24.33
CA GLU B 272 -10.68 7.39 24.19
C GLU B 272 -10.91 7.78 22.72
N ASN B 273 -10.32 7.06 21.76
CA ASN B 273 -10.53 7.40 20.34
C ASN B 273 -11.44 6.38 19.64
N VAL B 274 -12.01 5.43 20.41
CA VAL B 274 -12.75 4.33 19.79
C VAL B 274 -13.94 4.88 19.01
N ASP B 275 -14.74 5.76 19.63
CA ASP B 275 -15.96 6.21 18.98
C ASP B 275 -15.61 7.00 17.73
N SER B 276 -14.51 7.75 17.83
CA SER B 276 -14.08 8.62 16.74
C SER B 276 -13.57 7.79 15.55
N VAL B 277 -12.92 6.65 15.82
CA VAL B 277 -12.44 5.76 14.77
C VAL B 277 -13.63 5.02 14.13
N ALA B 278 -14.51 4.49 14.96
CA ALA B 278 -15.72 3.86 14.49
C ALA B 278 -16.47 4.76 13.51
N GLU B 279 -16.67 6.01 13.91
CA GLU B 279 -17.45 6.92 13.09
C GLU B 279 -16.75 7.18 11.76
N ALA B 280 -15.43 7.36 11.81
CA ALA B 280 -14.66 7.65 10.60
C ALA B 280 -14.68 6.48 9.64
N ILE B 281 -14.62 5.24 10.14
CA ILE B 281 -14.71 4.08 9.28
C ILE B 281 -16.09 4.06 8.62
N GLY B 282 -17.14 4.45 9.35
CA GLY B 282 -18.48 4.45 8.77
C GLY B 282 -18.61 5.52 7.69
N MET B 283 -18.13 6.72 7.96
CA MET B 283 -18.16 7.84 7.03
C MET B 283 -17.26 7.61 5.80
N ALA B 284 -16.38 6.60 5.82
CA ALA B 284 -15.63 6.19 4.64
C ALA B 284 -16.31 5.02 3.94
N GLY B 285 -17.47 4.62 4.48
CA GLY B 285 -18.38 3.70 3.81
C GLY B 285 -18.26 2.24 4.27
N GLY B 286 -17.67 2.02 5.45
CA GLY B 286 -17.55 0.65 5.95
C GLY B 286 -18.60 0.33 7.01
N LYS B 287 -18.79 -0.95 7.32
CA LYS B 287 -19.64 -1.36 8.42
C LYS B 287 -18.75 -1.76 9.60
N VAL B 288 -18.95 -1.11 10.74
CA VAL B 288 -18.06 -1.21 11.87
C VAL B 288 -18.61 -2.22 12.85
N VAL B 289 -17.72 -3.07 13.37
CA VAL B 289 -18.02 -3.81 14.60
C VAL B 289 -17.01 -3.40 15.66
N VAL B 290 -17.50 -2.80 16.77
CA VAL B 290 -16.67 -2.54 17.93
C VAL B 290 -16.53 -3.85 18.70
N ALA B 291 -15.31 -4.38 18.80
CA ALA B 291 -15.08 -5.61 19.55
C ALA B 291 -13.99 -5.35 20.58
N ASN B 292 -13.76 -6.35 21.41
CA ASN B 292 -12.62 -6.33 22.29
C ASN B 292 -11.92 -7.66 22.10
N ALA B 293 -10.59 -7.67 22.31
CA ALA B 293 -9.88 -8.92 22.43
C ALA B 293 -10.50 -9.73 23.57
N THR B 294 -10.46 -11.04 23.45
CA THR B 294 -10.99 -11.92 24.49
C THR B 294 -9.96 -13.02 24.72
N ASP B 295 -9.70 -13.31 26.01
CA ASP B 295 -8.97 -14.51 26.41
C ASP B 295 -9.90 -15.71 26.47
N ILE B 296 -11.19 -15.56 26.16
CA ILE B 296 -12.12 -16.68 26.20
C ILE B 296 -12.18 -17.38 24.83
N GLY B 297 -11.69 -18.61 24.79
CA GLY B 297 -11.77 -19.47 23.61
C GLY B 297 -13.08 -20.25 23.57
N VAL B 298 -13.01 -21.51 23.16
CA VAL B 298 -14.20 -22.32 23.06
C VAL B 298 -14.69 -22.57 24.49
N ARG B 299 -16.00 -22.51 24.71
CA ARG B 299 -16.56 -22.49 26.06
C ARG B 299 -17.93 -23.14 26.05
N VAL B 300 -18.21 -23.93 27.09
CA VAL B 300 -19.57 -24.36 27.38
C VAL B 300 -20.25 -23.22 28.13
N GLU B 301 -21.27 -22.61 27.51
CA GLU B 301 -22.00 -21.51 28.11
C GLU B 301 -23.21 -22.04 28.91
N CYS B 302 -23.72 -23.22 28.55
CA CYS B 302 -24.92 -23.78 29.14
C CYS B 302 -24.84 -25.31 29.04
N GLN B 303 -25.22 -25.99 30.12
CA GLN B 303 -25.27 -27.44 30.16
C GLN B 303 -26.43 -27.84 31.07
N LEU B 304 -27.66 -27.64 30.57
CA LEU B 304 -28.87 -28.03 31.27
C LEU B 304 -29.17 -29.52 31.02
C1 EDO C . 11.95 11.58 -4.13
O1 EDO C . 12.98 10.62 -3.90
C2 EDO C . 11.08 11.76 -2.95
O2 EDO C . 11.79 11.84 -1.73
CL CL D . 11.69 30.40 -10.08
MG MG E . 12.95 19.14 -8.87
CL CL F . 12.83 -11.49 -8.85
#